data_4P5D
#
_entry.id   4P5D
#
_cell.length_a   178.200
_cell.length_b   178.200
_cell.length_c   56.922
_cell.angle_alpha   90.00
_cell.angle_beta   90.00
_cell.angle_gamma   120.00
#
_symmetry.space_group_name_H-M   'P 61 2 2'
#
loop_
_entity.id
_entity.type
_entity.pdbx_description
1 polymer "2'-deoxynucleoside 5'-phosphate N-hydrolase 1"
2 non-polymer 6-(naphthalen-2-yl)-9-(5-O-phosphono-beta-D-ribofuranosyl)-9H-purine
3 non-polymer 'SULFATE ION'
4 water water
#
_entity_poly.entity_id   1
_entity_poly.type   'polypeptide(L)'
_entity_poly.pdbx_seq_one_letter_code
;MRRSVYFCGSIRGGREDQALYARIVSRLRRYGKVLTEHVADAELEPLGEEAAGGDQFIHEQNLNWLQQADVVVAEVTQPS
LGVGYELGRAVALGKPILCLFRPQSGRVLSAMIRGAADGSRFQVWDYAEGEVETMLDRYFEAYLVEHHHHHH
;
_entity_poly.pdbx_strand_id   C,A
#
loop_
_chem_comp.id
_chem_comp.type
_chem_comp.name
_chem_comp.formula
N6P non-polymer 6-(naphthalen-2-yl)-9-(5-O-phosphono-beta-D-ribofuranosyl)-9H-purine 'C20 H19 N4 O7 P'
SO4 non-polymer 'SULFATE ION' 'O4 S -2'
#
# COMPACT_ATOMS: atom_id res chain seq x y z
N ARG A 3 -15.31 -17.03 5.51
CA ARG A 3 -14.58 -16.29 6.52
C ARG A 3 -14.30 -14.84 6.12
N SER A 4 -14.01 -14.59 4.85
CA SER A 4 -13.50 -13.27 4.42
C SER A 4 -14.48 -12.48 3.56
N VAL A 5 -14.79 -11.27 4.00
CA VAL A 5 -15.66 -10.38 3.23
C VAL A 5 -14.93 -9.12 2.75
N TYR A 6 -15.04 -8.83 1.46
CA TYR A 6 -14.56 -7.57 0.89
C TYR A 6 -15.73 -6.58 0.82
N PHE A 7 -15.64 -5.48 1.55
CA PHE A 7 -16.69 -4.46 1.48
C PHE A 7 -16.26 -3.27 0.62
N CYS A 8 -17.11 -2.90 -0.35
CA CYS A 8 -16.89 -1.74 -1.20
C CYS A 8 -17.84 -0.58 -0.90
N GLY A 9 -17.28 0.61 -0.77
CA GLY A 9 -18.09 1.81 -0.63
C GLY A 9 -17.32 3.02 -1.11
N SER A 10 -18.05 4.05 -1.52
CA SER A 10 -17.43 5.23 -2.11
C SER A 10 -16.50 5.96 -1.14
N ILE A 11 -15.35 6.40 -1.65
CA ILE A 11 -14.48 7.25 -0.85
C ILE A 11 -14.26 8.57 -1.60
N ARG A 12 -13.47 8.58 -2.66
CA ARG A 12 -13.29 9.81 -3.42
C ARG A 12 -14.51 10.12 -4.29
N GLY A 13 -15.40 9.14 -4.45
CA GLY A 13 -16.70 9.41 -5.08
C GLY A 13 -17.58 10.23 -4.13
N GLY A 14 -17.09 10.40 -2.90
CA GLY A 14 -17.78 11.07 -1.81
C GLY A 14 -18.26 10.21 -0.64
N ARG A 15 -18.30 10.86 0.52
CA ARG A 15 -18.49 10.21 1.81
C ARG A 15 -19.91 10.25 2.39
N GLU A 16 -20.87 10.73 1.60
CA GLU A 16 -22.25 10.92 2.08
C GLU A 16 -22.81 9.73 2.87
N ASP A 17 -22.51 8.52 2.43
CA ASP A 17 -23.11 7.32 3.01
C ASP A 17 -22.27 6.66 4.11
N GLN A 18 -21.20 7.33 4.54
CA GLN A 18 -20.23 6.76 5.47
C GLN A 18 -20.87 6.05 6.69
N ALA A 19 -21.88 6.68 7.28
CA ALA A 19 -22.49 6.09 8.47
C ALA A 19 -23.16 4.76 8.12
N LEU A 20 -23.74 4.70 6.93
CA LEU A 20 -24.32 3.44 6.45
C LEU A 20 -23.26 2.37 6.28
N TYR A 21 -22.09 2.74 5.73
CA TYR A 21 -21.02 1.77 5.54
C TYR A 21 -20.63 1.18 6.90
N ALA A 22 -20.59 2.03 7.92
CA ALA A 22 -20.26 1.61 9.28
C ALA A 22 -21.28 0.59 9.80
N ARG A 23 -22.56 0.86 9.57
CA ARG A 23 -23.62 -0.07 9.94
C ARG A 23 -23.46 -1.39 9.19
N ILE A 24 -23.08 -1.30 7.92
CA ILE A 24 -22.95 -2.50 7.11
C ILE A 24 -21.76 -3.32 7.59
N VAL A 25 -20.62 -2.67 7.74
CA VAL A 25 -19.42 -3.35 8.20
C VAL A 25 -19.66 -4.01 9.57
N SER A 26 -20.36 -3.32 10.46
CA SER A 26 -20.62 -3.85 11.79
C SER A 26 -21.40 -5.16 11.72
N ARG A 27 -22.45 -5.18 10.90
CA ARG A 27 -23.27 -6.39 10.73
C ARG A 27 -22.46 -7.52 10.11
N LEU A 28 -21.60 -7.18 9.16
CA LEU A 28 -20.80 -8.17 8.43
C LEU A 28 -19.81 -8.94 9.31
N ARG A 29 -19.37 -8.32 10.40
N ARG A 29 -19.36 -8.32 10.39
CA ARG A 29 -18.37 -8.94 11.27
C ARG A 29 -18.84 -10.24 11.91
C ARG A 29 -18.84 -10.25 11.89
N ARG A 30 -20.15 -10.41 12.03
CA ARG A 30 -20.66 -11.66 12.60
C ARG A 30 -20.62 -12.76 11.55
N TYR A 31 -20.62 -12.38 10.28
CA TYR A 31 -20.51 -13.34 9.19
C TYR A 31 -19.11 -13.58 8.66
N GLY A 32 -18.14 -12.79 9.10
CA GLY A 32 -16.78 -13.03 8.70
C GLY A 32 -15.82 -11.87 8.93
N LYS A 33 -14.55 -12.12 8.62
CA LYS A 33 -13.54 -11.08 8.69
C LYS A 33 -13.77 -10.08 7.57
N VAL A 34 -13.91 -8.81 7.91
CA VAL A 34 -14.06 -7.76 6.92
C VAL A 34 -12.69 -7.20 6.57
N LEU A 35 -12.25 -7.47 5.36
CA LEU A 35 -10.89 -7.14 4.95
C LEU A 35 -10.71 -5.65 4.72
N THR A 36 -11.78 -5.02 4.28
CA THR A 36 -11.84 -3.60 3.89
C THR A 36 -12.36 -2.62 4.93
N GLU A 37 -12.45 -3.02 6.19
CA GLU A 37 -13.19 -2.29 7.22
C GLU A 37 -12.95 -0.78 7.23
N HIS A 38 -11.74 -0.35 6.89
CA HIS A 38 -11.39 1.06 6.82
C HIS A 38 -12.29 1.92 5.91
N VAL A 39 -12.95 1.31 4.92
CA VAL A 39 -13.85 2.04 4.02
C VAL A 39 -14.98 2.73 4.80
N ALA A 40 -15.33 2.13 5.96
CA ALA A 40 -16.44 2.62 6.75
C ALA A 40 -16.01 3.68 7.77
N ASP A 41 -14.72 3.92 7.88
CA ASP A 41 -14.19 4.83 8.91
C ASP A 41 -14.63 6.28 8.69
N ALA A 42 -15.23 6.85 9.74
CA ALA A 42 -15.72 8.23 9.74
C ALA A 42 -14.55 9.19 9.74
N GLU A 43 -13.48 8.75 10.39
CA GLU A 43 -12.23 9.46 10.40
C GLU A 43 -11.67 9.61 8.99
N LEU A 44 -11.95 8.65 8.12
CA LEU A 44 -11.32 8.76 6.84
C LEU A 44 -12.13 9.83 6.15
N GLU A 45 -11.44 10.95 5.92
CA GLU A 45 -11.86 11.84 4.90
C GLU A 45 -10.56 12.17 4.20
N PRO A 46 -10.60 12.06 2.87
CA PRO A 46 -9.74 12.31 1.72
C PRO A 46 -9.87 13.72 1.23
N LEU A 47 -9.33 13.88 0.02
CA LEU A 47 -9.34 15.12 -0.76
C LEU A 47 -8.09 15.84 -0.22
N GLY A 48 -7.49 15.20 0.78
CA GLY A 48 -6.11 15.41 1.14
C GLY A 48 -5.19 15.06 -0.04
N GLU A 49 -5.30 13.84 -0.59
CA GLU A 49 -4.22 13.12 -1.36
C GLU A 49 -3.18 12.21 -0.66
N GLU A 50 -3.34 11.94 0.63
CA GLU A 50 -2.36 11.12 1.43
C GLU A 50 -2.42 9.60 1.15
N ALA A 51 -1.99 8.83 2.16
CA ALA A 51 -1.65 7.39 2.25
C ALA A 51 -0.18 7.02 2.09
N ALA A 52 0.65 7.99 1.71
CA ALA A 52 2.12 7.97 1.91
C ALA A 52 2.74 6.79 1.19
N GLY A 53 1.93 5.82 0.79
CA GLY A 53 2.40 4.69 0.02
C GLY A 53 1.94 4.84 -1.42
N GLY A 54 1.03 5.79 -1.63
CA GLY A 54 0.53 6.09 -2.95
C GLY A 54 -0.66 5.25 -3.36
N ASP A 55 -1.25 5.65 -4.48
CA ASP A 55 -2.40 4.94 -5.01
C ASP A 55 -2.00 3.55 -5.47
N GLN A 56 -0.78 3.41 -5.94
CA GLN A 56 -0.28 2.09 -6.35
C GLN A 56 -0.36 1.07 -5.21
N PHE A 57 0.06 1.49 -4.03
CA PHE A 57 0.06 0.62 -2.86
C PHE A 57 -1.39 0.27 -2.51
N ILE A 58 -2.24 1.29 -2.45
CA ILE A 58 -3.66 1.10 -2.21
CA ILE A 58 -3.66 1.10 -2.22
C ILE A 58 -4.24 0.10 -3.21
N HIS A 59 -3.97 0.31 -4.49
CA HIS A 59 -4.50 -0.58 -5.51
C HIS A 59 -4.05 -2.04 -5.29
N GLU A 60 -2.75 -2.25 -5.12
CA GLU A 60 -2.23 -3.60 -4.98
C GLU A 60 -2.72 -4.29 -3.71
N GLN A 61 -2.74 -3.55 -2.61
CA GLN A 61 -3.21 -4.08 -1.33
C GLN A 61 -4.68 -4.53 -1.47
N ASN A 62 -5.50 -3.70 -2.11
CA ASN A 62 -6.91 -4.04 -2.29
C ASN A 62 -7.13 -5.25 -3.20
N LEU A 63 -6.37 -5.33 -4.28
CA LEU A 63 -6.47 -6.48 -5.18
C LEU A 63 -6.09 -7.77 -4.46
N ASN A 64 -5.11 -7.70 -3.56
CA ASN A 64 -4.74 -8.87 -2.79
C ASN A 64 -5.89 -9.33 -1.90
N TRP A 65 -6.55 -8.37 -1.25
CA TRP A 65 -7.69 -8.65 -0.40
C TRP A 65 -8.86 -9.18 -1.23
N LEU A 66 -9.07 -8.59 -2.39
CA LEU A 66 -10.16 -9.00 -3.26
C LEU A 66 -10.01 -10.46 -3.65
N GLN A 67 -8.77 -10.86 -3.92
CA GLN A 67 -8.49 -12.25 -4.26
C GLN A 67 -8.74 -13.22 -3.09
N GLN A 68 -8.46 -12.77 -1.87
CA GLN A 68 -8.68 -13.60 -0.68
C GLN A 68 -10.16 -13.73 -0.34
N ALA A 69 -10.93 -12.71 -0.70
CA ALA A 69 -12.32 -12.60 -0.33
C ALA A 69 -13.16 -13.80 -0.78
N ASP A 70 -13.95 -14.33 0.14
CA ASP A 70 -14.95 -15.33 -0.21
C ASP A 70 -16.18 -14.68 -0.81
N VAL A 71 -16.50 -13.48 -0.34
CA VAL A 71 -17.69 -12.77 -0.76
C VAL A 71 -17.40 -11.27 -0.87
N VAL A 72 -17.99 -10.64 -1.88
CA VAL A 72 -17.86 -9.21 -2.08
C VAL A 72 -19.18 -8.52 -1.81
N VAL A 73 -19.17 -7.51 -0.96
CA VAL A 73 -20.39 -6.75 -0.66
C VAL A 73 -20.17 -5.28 -1.02
N ALA A 74 -21.07 -4.69 -1.79
CA ALA A 74 -20.88 -3.30 -2.19
C ALA A 74 -22.12 -2.48 -1.90
N GLU A 75 -21.93 -1.30 -1.31
CA GLU A 75 -23.04 -0.35 -1.28
C GLU A 75 -22.86 0.54 -2.50
N VAL A 76 -23.74 0.38 -3.47
CA VAL A 76 -23.64 1.04 -4.79
C VAL A 76 -24.47 2.31 -4.97
N THR A 77 -25.06 2.83 -3.90
CA THR A 77 -25.90 4.04 -4.03
C THR A 77 -25.12 5.28 -4.48
N GLN A 78 -23.97 5.54 -3.87
CA GLN A 78 -23.14 6.69 -4.26
C GLN A 78 -22.23 6.33 -5.44
N PRO A 79 -22.36 7.03 -6.58
CA PRO A 79 -21.52 6.67 -7.74
C PRO A 79 -20.03 6.83 -7.44
N SER A 80 -19.26 5.78 -7.75
CA SER A 80 -17.83 5.74 -7.47
C SER A 80 -17.10 4.93 -8.54
N LEU A 81 -15.99 5.47 -9.05
CA LEU A 81 -15.15 4.72 -9.97
C LEU A 81 -14.54 3.50 -9.29
N GLY A 82 -14.03 3.72 -8.08
CA GLY A 82 -13.39 2.65 -7.33
C GLY A 82 -14.31 1.47 -7.07
N VAL A 83 -15.51 1.77 -6.60
CA VAL A 83 -16.49 0.70 -6.35
C VAL A 83 -16.80 -0.05 -7.65
N GLY A 84 -17.04 0.68 -8.73
CA GLY A 84 -17.31 0.04 -10.02
C GLY A 84 -16.16 -0.85 -10.46
N TYR A 85 -14.95 -0.33 -10.31
CA TYR A 85 -13.74 -1.06 -10.67
C TYR A 85 -13.60 -2.36 -9.88
N GLU A 86 -13.77 -2.27 -8.56
CA GLU A 86 -13.72 -3.45 -7.68
C GLU A 86 -14.75 -4.49 -8.11
N LEU A 87 -15.97 -4.06 -8.40
CA LEU A 87 -17.00 -5.00 -8.89
C LEU A 87 -16.58 -5.64 -10.23
N GLY A 88 -16.04 -4.84 -11.14
CA GLY A 88 -15.55 -5.37 -12.42
C GLY A 88 -14.48 -6.43 -12.22
N ARG A 89 -13.47 -6.13 -11.39
CA ARG A 89 -12.41 -7.09 -11.06
C ARG A 89 -12.98 -8.33 -10.38
N ALA A 90 -13.97 -8.12 -9.51
CA ALA A 90 -14.55 -9.21 -8.74
C ALA A 90 -15.36 -10.15 -9.64
N VAL A 91 -16.13 -9.57 -10.55
CA VAL A 91 -16.86 -10.37 -11.53
C VAL A 91 -15.90 -11.25 -12.32
N ALA A 92 -14.79 -10.69 -12.77
CA ALA A 92 -13.84 -11.46 -13.55
C ALA A 92 -13.17 -12.53 -12.73
N LEU A 93 -13.05 -12.31 -11.42
CA LEU A 93 -12.50 -13.33 -10.52
C LEU A 93 -13.54 -14.39 -10.16
N GLY A 94 -14.79 -14.16 -10.55
CA GLY A 94 -15.84 -15.11 -10.26
C GLY A 94 -16.30 -15.13 -8.81
N LYS A 95 -16.17 -13.99 -8.12
CA LYS A 95 -16.60 -13.88 -6.73
C LYS A 95 -18.11 -13.74 -6.59
N PRO A 96 -18.70 -14.43 -5.59
CA PRO A 96 -20.10 -14.08 -5.33
C PRO A 96 -20.19 -12.64 -4.85
N ILE A 97 -21.22 -11.95 -5.30
CA ILE A 97 -21.33 -10.52 -5.10
C ILE A 97 -22.71 -10.10 -4.65
N LEU A 98 -22.75 -9.23 -3.65
CA LEU A 98 -23.99 -8.62 -3.20
C LEU A 98 -23.86 -7.10 -3.30
N CYS A 99 -24.72 -6.49 -4.13
CA CYS A 99 -24.82 -5.05 -4.20
C CYS A 99 -26.08 -4.58 -3.47
N LEU A 100 -25.95 -3.51 -2.69
CA LEU A 100 -27.06 -2.93 -1.95
C LEU A 100 -27.30 -1.50 -2.46
N PHE A 101 -28.53 -1.18 -2.84
CA PHE A 101 -28.85 0.13 -3.42
C PHE A 101 -30.06 0.78 -2.76
N ARG A 102 -29.99 2.08 -2.49
CA ARG A 102 -31.15 2.77 -1.89
C ARG A 102 -31.88 3.62 -2.91
N PRO A 103 -33.07 3.17 -3.35
CA PRO A 103 -33.85 3.94 -4.32
C PRO A 103 -34.35 5.26 -3.72
N GLN A 104 -34.42 5.33 -2.39
CA GLN A 104 -34.91 6.52 -1.70
C GLN A 104 -33.97 7.70 -1.90
N SER A 105 -32.80 7.44 -2.45
CA SER A 105 -31.81 8.47 -2.71
C SER A 105 -32.20 9.33 -3.92
N GLY A 106 -33.21 8.90 -4.66
CA GLY A 106 -33.64 9.59 -5.87
C GLY A 106 -32.81 9.24 -7.09
N ARG A 107 -31.68 8.55 -6.89
CA ARG A 107 -30.83 8.13 -8.00
C ARG A 107 -31.37 6.91 -8.72
N VAL A 108 -31.01 6.79 -9.99
CA VAL A 108 -31.21 5.56 -10.72
C VAL A 108 -29.87 4.82 -10.76
N LEU A 109 -29.86 3.54 -10.41
CA LEU A 109 -28.62 2.78 -10.35
C LEU A 109 -28.08 2.54 -11.76
N SER A 110 -26.75 2.54 -11.88
CA SER A 110 -26.05 2.28 -13.13
C SER A 110 -26.55 1.04 -13.86
N ALA A 111 -26.80 1.16 -15.16
CA ALA A 111 -27.23 0.03 -15.96
C ALA A 111 -26.19 -1.08 -15.97
N MET A 112 -24.92 -0.72 -15.84
CA MET A 112 -23.88 -1.73 -15.90
C MET A 112 -23.82 -2.54 -14.60
N ILE A 113 -24.32 -1.96 -13.51
CA ILE A 113 -24.35 -2.67 -12.23
C ILE A 113 -25.63 -3.48 -12.16
N ARG A 114 -26.77 -2.79 -12.27
CA ARG A 114 -28.07 -3.45 -12.34
C ARG A 114 -28.06 -4.53 -13.42
N GLY A 115 -27.54 -4.23 -14.59
CA GLY A 115 -27.53 -5.20 -15.69
C GLY A 115 -26.54 -6.34 -15.50
N ALA A 116 -25.57 -6.17 -14.60
CA ALA A 116 -24.63 -7.24 -14.29
C ALA A 116 -25.26 -8.36 -13.44
N ALA A 117 -26.38 -8.07 -12.79
CA ALA A 117 -27.04 -9.00 -11.88
C ALA A 117 -27.65 -10.21 -12.60
N ASP A 118 -27.33 -11.42 -12.13
CA ASP A 118 -28.06 -12.63 -12.52
C ASP A 118 -29.07 -13.16 -11.47
N GLY A 119 -29.15 -12.49 -10.32
CA GLY A 119 -29.99 -12.97 -9.24
C GLY A 119 -29.41 -14.16 -8.49
N SER A 120 -28.20 -14.59 -8.85
CA SER A 120 -27.57 -15.66 -8.09
C SER A 120 -26.16 -15.31 -7.57
N ARG A 121 -25.17 -15.41 -8.44
CA ARG A 121 -23.78 -15.12 -8.07
C ARG A 121 -23.51 -13.61 -8.08
N PHE A 122 -24.36 -12.86 -8.78
CA PHE A 122 -24.31 -11.41 -8.69
C PHE A 122 -25.72 -10.93 -8.36
N GLN A 123 -25.89 -10.40 -7.14
CA GLN A 123 -27.22 -9.99 -6.71
C GLN A 123 -27.24 -8.49 -6.45
N VAL A 124 -28.34 -7.85 -6.80
CA VAL A 124 -28.57 -6.44 -6.47
C VAL A 124 -29.82 -6.34 -5.63
N TRP A 125 -29.73 -5.81 -4.42
CA TRP A 125 -30.91 -5.65 -3.59
C TRP A 125 -31.20 -4.17 -3.35
N ASP A 126 -32.44 -3.77 -3.63
CA ASP A 126 -32.95 -2.46 -3.27
C ASP A 126 -33.38 -2.46 -1.81
N TYR A 127 -32.98 -1.46 -1.05
CA TYR A 127 -33.41 -1.44 0.35
C TYR A 127 -33.72 -0.04 0.86
N ALA A 128 -34.52 0.01 1.92
CA ALA A 128 -34.75 1.21 2.68
C ALA A 128 -33.76 1.21 3.84
N GLU A 129 -33.26 2.38 4.20
CA GLU A 129 -32.12 2.53 5.11
C GLU A 129 -32.20 1.71 6.40
N GLY A 130 -33.39 1.63 6.99
CA GLY A 130 -33.57 0.85 8.21
C GLY A 130 -33.59 -0.65 8.02
N GLU A 131 -33.56 -1.11 6.77
CA GLU A 131 -33.64 -2.54 6.47
C GLU A 131 -32.30 -3.23 6.28
N VAL A 132 -31.20 -2.47 6.31
CA VAL A 132 -29.96 -3.00 5.74
C VAL A 132 -29.44 -4.23 6.48
N GLU A 133 -29.61 -4.28 7.81
CA GLU A 133 -29.21 -5.45 8.57
C GLU A 133 -29.99 -6.69 8.14
N THR A 134 -31.30 -6.57 8.04
CA THR A 134 -32.15 -7.67 7.58
C THR A 134 -31.72 -8.20 6.21
N MET A 135 -31.42 -7.28 5.30
CA MET A 135 -30.93 -7.62 3.96
C MET A 135 -29.67 -8.47 4.04
N LEU A 136 -28.69 -8.00 4.81
CA LEU A 136 -27.44 -8.73 4.99
C LEU A 136 -27.69 -10.09 5.64
N ASP A 137 -28.56 -10.11 6.65
CA ASP A 137 -28.95 -11.36 7.31
C ASP A 137 -29.50 -12.39 6.32
N ARG A 138 -30.47 -11.97 5.50
CA ARG A 138 -31.06 -12.85 4.49
C ARG A 138 -29.98 -13.48 3.62
N TYR A 139 -29.13 -12.62 3.07
CA TYR A 139 -28.13 -13.08 2.12
C TYR A 139 -27.18 -14.09 2.73
N PHE A 140 -26.66 -13.80 3.91
CA PHE A 140 -25.60 -14.61 4.49
C PHE A 140 -26.12 -15.90 5.12
N GLU A 141 -27.36 -15.86 5.63
CA GLU A 141 -27.98 -17.08 6.11
C GLU A 141 -28.18 -17.99 4.89
N ALA A 142 -28.79 -17.45 3.85
CA ALA A 142 -28.97 -18.17 2.60
C ALA A 142 -27.64 -18.69 2.06
N TYR A 143 -26.59 -17.89 2.23
CA TYR A 143 -25.25 -18.21 1.70
C TYR A 143 -24.70 -19.52 2.28
N LEU A 144 -25.31 -20.04 3.34
CA LEU A 144 -24.98 -21.38 3.82
C LEU A 144 -26.08 -22.36 3.45
N ARG B 2 19.07 -15.66 9.16
CA ARG B 2 18.40 -14.37 9.35
C ARG B 2 18.28 -13.60 8.03
N ARG B 3 17.19 -12.86 7.90
CA ARG B 3 16.94 -11.98 6.77
C ARG B 3 18.05 -10.94 6.66
N SER B 4 18.45 -10.61 5.43
CA SER B 4 19.48 -9.60 5.22
C SER B 4 18.91 -8.38 4.51
N VAL B 5 19.28 -7.20 5.00
CA VAL B 5 18.82 -5.95 4.43
C VAL B 5 19.98 -5.14 3.86
N TYR B 6 19.80 -4.63 2.65
CA TYR B 6 20.77 -3.72 2.05
C TYR B 6 20.23 -2.30 2.19
N PHE B 7 20.96 -1.44 2.91
CA PHE B 7 20.51 -0.06 3.06
C PHE B 7 21.29 0.87 2.14
N CYS B 8 20.57 1.71 1.38
CA CYS B 8 21.20 2.72 0.52
C CYS B 8 20.94 4.13 1.02
N GLY B 9 21.99 4.94 1.04
CA GLY B 9 21.84 6.36 1.28
C GLY B 9 23.03 7.14 0.77
N SER B 10 22.82 8.42 0.49
CA SER B 10 23.83 9.25 -0.16
C SER B 10 25.13 9.34 0.64
N ILE B 11 26.25 9.25 -0.06
CA ILE B 11 27.54 9.50 0.57
C ILE B 11 28.24 10.63 -0.17
N ARG B 12 28.81 10.35 -1.34
CA ARG B 12 29.43 11.42 -2.11
C ARG B 12 28.36 12.37 -2.73
N GLY B 13 27.11 11.94 -2.78
CA GLY B 13 26.03 12.86 -3.13
C GLY B 13 25.82 13.92 -2.05
N GLY B 14 26.50 13.73 -0.93
CA GLY B 14 26.42 14.53 0.29
C GLY B 14 25.81 13.82 1.49
N ARG B 15 26.26 14.24 2.67
CA ARG B 15 25.99 13.62 3.98
C ARG B 15 24.88 14.28 4.82
N GLU B 16 24.15 15.22 4.25
CA GLU B 16 23.15 15.98 4.98
C GLU B 16 22.22 15.11 5.87
N ASP B 17 21.80 13.97 5.35
CA ASP B 17 20.82 13.10 6.02
C ASP B 17 21.44 11.99 6.90
N GLN B 18 22.75 12.04 7.12
CA GLN B 18 23.46 10.98 7.85
C GLN B 18 22.80 10.56 9.17
N ALA B 19 22.30 11.51 9.96
CA ALA B 19 21.72 11.17 11.26
C ALA B 19 20.48 10.33 11.04
N LEU B 20 19.71 10.69 10.03
CA LEU B 20 18.55 9.93 9.59
C LEU B 20 18.92 8.50 9.17
N TYR B 21 20.00 8.36 8.39
CA TYR B 21 20.42 7.04 7.94
C TYR B 21 20.75 6.18 9.17
N ALA B 22 21.38 6.79 10.17
CA ALA B 22 21.70 6.10 11.41
C ALA B 22 20.43 5.62 12.12
N ARG B 23 19.39 6.44 12.12
CA ARG B 23 18.12 6.04 12.75
C ARG B 23 17.49 4.89 11.98
N ILE B 24 17.61 4.94 10.67
CA ILE B 24 17.00 3.92 9.84
C ILE B 24 17.72 2.59 10.05
N VAL B 25 19.04 2.62 9.97
CA VAL B 25 19.85 1.43 10.20
C VAL B 25 19.55 0.81 11.56
N SER B 26 19.45 1.65 12.59
CA SER B 26 19.18 1.15 13.94
C SER B 26 17.87 0.37 13.99
N ARG B 27 16.83 0.94 13.39
CA ARG B 27 15.53 0.29 13.36
C ARG B 27 15.57 -1.00 12.55
N LEU B 28 16.27 -0.97 11.43
CA LEU B 28 16.38 -2.12 10.54
C LEU B 28 16.97 -3.34 11.21
N ARG B 29 17.74 -3.13 12.28
CA ARG B 29 18.43 -4.26 12.91
C ARG B 29 17.47 -5.24 13.57
N ARG B 30 16.32 -4.78 14.04
CA ARG B 30 15.38 -5.73 14.61
C ARG B 30 14.70 -6.57 13.52
N TYR B 31 14.74 -6.11 12.27
CA TYR B 31 14.17 -6.87 11.16
C TYR B 31 15.16 -7.77 10.40
N GLY B 32 16.45 -7.62 10.67
CA GLY B 32 17.45 -8.41 9.99
C GLY B 32 18.86 -7.85 10.03
N LYS B 33 19.77 -8.59 9.44
CA LYS B 33 21.16 -8.17 9.29
C LYS B 33 21.29 -7.04 8.26
N VAL B 34 21.89 -5.92 8.67
CA VAL B 34 22.12 -4.81 7.76
C VAL B 34 23.50 -4.93 7.15
N LEU B 35 23.55 -5.20 5.85
CA LEU B 35 24.82 -5.51 5.20
C LEU B 35 25.68 -4.27 5.02
N THR B 36 25.00 -3.16 4.80
CA THR B 36 25.55 -1.85 4.47
C THR B 36 25.75 -0.87 5.62
N GLU B 37 25.66 -1.33 6.86
CA GLU B 37 25.39 -0.48 8.03
C GLU B 37 26.29 0.77 8.11
N HIS B 38 27.43 0.70 7.45
CA HIS B 38 28.40 1.78 7.45
C HIS B 38 27.98 3.01 6.62
N VAL B 39 26.92 2.90 5.81
CA VAL B 39 26.40 4.06 5.07
C VAL B 39 25.88 5.11 6.07
N ALA B 40 25.42 4.61 7.21
CA ALA B 40 24.90 5.45 8.28
C ALA B 40 26.00 5.98 9.18
N ASP B 41 27.23 5.53 8.94
CA ASP B 41 28.32 5.81 9.86
C ASP B 41 28.67 7.29 9.84
N ALA B 42 28.59 7.92 11.02
CA ALA B 42 28.82 9.36 11.16
C ALA B 42 30.24 9.73 10.80
N GLU B 43 31.15 8.78 10.97
CA GLU B 43 32.58 9.00 10.78
C GLU B 43 32.93 9.21 9.34
N LEU B 44 32.04 8.82 8.43
CA LEU B 44 32.43 8.62 7.05
C LEU B 44 33.11 9.89 6.60
N GLU B 45 34.32 9.69 6.07
CA GLU B 45 35.25 10.72 5.66
C GLU B 45 34.83 11.72 4.59
N PRO B 46 33.97 11.31 3.62
CA PRO B 46 34.31 11.43 2.18
C PRO B 46 34.82 12.72 1.59
N LEU B 47 35.29 12.56 0.34
CA LEU B 47 36.13 13.49 -0.41
C LEU B 47 37.60 13.19 -0.12
N GLY B 48 37.87 12.21 0.75
CA GLY B 48 39.24 11.74 1.00
C GLY B 48 39.65 10.40 0.39
N GLU B 49 38.78 9.83 -0.45
CA GLU B 49 39.06 8.74 -1.41
C GLU B 49 39.94 7.57 -0.95
N GLU B 50 39.72 7.11 0.27
CA GLU B 50 40.11 5.77 0.72
C GLU B 50 38.90 4.93 0.23
N ALA B 51 38.70 3.71 0.71
CA ALA B 51 38.70 2.54 -0.13
C ALA B 51 40.14 2.50 -0.59
N ALA B 52 40.96 2.18 0.39
CA ALA B 52 42.34 1.84 0.14
C ALA B 52 42.38 0.75 -0.94
N GLY B 53 41.29 -0.01 -1.03
CA GLY B 53 41.11 -0.98 -2.09
C GLY B 53 40.49 -0.36 -3.32
N GLY B 54 40.13 0.91 -3.24
CA GLY B 54 39.66 1.65 -4.39
C GLY B 54 38.18 1.55 -4.64
N ASP B 55 37.70 2.32 -5.61
CA ASP B 55 36.27 2.31 -5.90
C ASP B 55 35.82 0.96 -6.45
N GLN B 56 36.71 0.30 -7.19
CA GLN B 56 36.44 -1.03 -7.73
C GLN B 56 36.07 -1.99 -6.60
N PHE B 57 36.88 -1.99 -5.55
CA PHE B 57 36.64 -2.88 -4.42
C PHE B 57 35.30 -2.53 -3.79
N ILE B 58 35.03 -1.23 -3.60
CA ILE B 58 33.74 -0.80 -3.05
C ILE B 58 32.59 -1.33 -3.89
N HIS B 59 32.71 -1.16 -5.21
CA HIS B 59 31.66 -1.58 -6.12
C HIS B 59 31.41 -3.09 -6.04
N GLU B 60 32.46 -3.87 -6.13
CA GLU B 60 32.33 -5.32 -6.12
C GLU B 60 31.79 -5.80 -4.78
N GLN B 61 32.33 -5.29 -3.70
CA GLN B 61 31.87 -5.68 -2.36
C GLN B 61 30.38 -5.36 -2.19
N ASN B 62 29.94 -4.20 -2.66
CA ASN B 62 28.52 -3.81 -2.53
C ASN B 62 27.61 -4.65 -3.45
N LEU B 63 28.04 -4.95 -4.66
CA LEU B 63 27.25 -5.83 -5.52
C LEU B 63 27.09 -7.23 -4.92
N ASN B 64 28.13 -7.73 -4.26
CA ASN B 64 28.03 -9.02 -3.59
C ASN B 64 26.96 -8.98 -2.49
N TRP B 65 26.98 -7.93 -1.68
CA TRP B 65 25.96 -7.73 -0.65
C TRP B 65 24.57 -7.56 -1.24
N LEU B 66 24.49 -6.83 -2.34
CA LEU B 66 23.19 -6.60 -2.98
C LEU B 66 22.60 -7.93 -3.45
N GLN B 67 23.43 -8.80 -3.99
CA GLN B 67 22.96 -10.10 -4.45
C GLN B 67 22.47 -10.96 -3.28
N GLN B 68 23.12 -10.83 -2.13
CA GLN B 68 22.75 -11.57 -0.93
C GLN B 68 21.48 -11.05 -0.27
N ALA B 69 21.23 -9.75 -0.41
CA ALA B 69 20.13 -9.08 0.29
C ALA B 69 18.76 -9.70 -0.01
N ASP B 70 17.98 -9.93 1.04
CA ASP B 70 16.58 -10.29 0.87
C ASP B 70 15.72 -9.06 0.55
N VAL B 71 16.12 -7.89 1.04
CA VAL B 71 15.35 -6.66 0.81
C VAL B 71 16.27 -5.46 0.75
N VAL B 72 15.91 -4.50 -0.09
CA VAL B 72 16.68 -3.27 -0.28
C VAL B 72 15.87 -2.09 0.26
N VAL B 73 16.51 -1.28 1.10
CA VAL B 73 15.86 -0.09 1.65
C VAL B 73 16.72 1.12 1.28
N ALA B 74 16.09 2.16 0.76
CA ALA B 74 16.83 3.33 0.32
C ALA B 74 16.17 4.61 0.83
N GLU B 75 16.96 5.50 1.40
CA GLU B 75 16.43 6.82 1.72
C GLU B 75 16.83 7.66 0.51
N VAL B 76 15.84 8.05 -0.29
CA VAL B 76 16.06 8.72 -1.58
C VAL B 76 15.93 10.24 -1.57
N THR B 77 15.85 10.86 -0.40
CA THR B 77 15.65 12.31 -0.38
C THR B 77 16.84 13.11 -0.97
N GLN B 78 18.07 12.75 -0.60
CA GLN B 78 19.27 13.43 -1.12
C GLN B 78 19.67 12.80 -2.45
N PRO B 79 19.71 13.58 -3.52
CA PRO B 79 20.04 12.96 -4.83
C PRO B 79 21.45 12.34 -4.85
N SER B 80 21.56 11.12 -5.32
CA SER B 80 22.83 10.39 -5.29
C SER B 80 22.94 9.47 -6.51
N LEU B 81 24.04 9.54 -7.24
CA LEU B 81 24.28 8.58 -8.32
C LEU B 81 24.33 7.15 -7.79
N GLY B 82 25.06 6.96 -6.69
CA GLY B 82 25.31 5.62 -6.19
C GLY B 82 24.00 5.00 -5.74
N VAL B 83 23.18 5.79 -5.05
CA VAL B 83 21.92 5.26 -4.56
C VAL B 83 21.02 4.86 -5.76
N GLY B 84 20.94 5.73 -6.76
CA GLY B 84 20.16 5.40 -7.96
C GLY B 84 20.74 4.16 -8.63
N TYR B 85 22.07 4.08 -8.71
CA TYR B 85 22.70 2.92 -9.33
C TYR B 85 22.34 1.62 -8.60
N GLU B 86 22.40 1.65 -7.27
CA GLU B 86 22.07 0.48 -6.46
C GLU B 86 20.62 0.04 -6.69
N LEU B 87 19.72 1.01 -6.77
CA LEU B 87 18.30 0.72 -7.05
C LEU B 87 18.14 0.10 -8.45
N GLY B 88 18.88 0.61 -9.42
CA GLY B 88 18.80 0.07 -10.77
C GLY B 88 19.28 -1.38 -10.83
N ARG B 89 20.40 -1.67 -10.16
CA ARG B 89 20.92 -3.03 -10.12
C ARG B 89 19.94 -3.93 -9.36
N ALA B 90 19.37 -3.40 -8.28
CA ALA B 90 18.44 -4.14 -7.43
C ALA B 90 17.18 -4.53 -8.21
N VAL B 91 16.64 -3.59 -8.96
CA VAL B 91 15.45 -3.86 -9.76
C VAL B 91 15.72 -4.99 -10.74
N ALA B 92 16.89 -4.96 -11.38
CA ALA B 92 17.19 -5.98 -12.37
C ALA B 92 17.43 -7.33 -11.71
N LEU B 93 17.91 -7.31 -10.46
CA LEU B 93 18.05 -8.53 -9.68
C LEU B 93 16.71 -9.05 -9.13
N GLY B 94 15.64 -8.28 -9.29
CA GLY B 94 14.34 -8.70 -8.82
C GLY B 94 14.10 -8.54 -7.33
N LYS B 95 14.89 -7.70 -6.66
CA LYS B 95 14.78 -7.53 -5.21
C LYS B 95 13.54 -6.75 -4.81
N PRO B 96 12.94 -7.12 -3.65
CA PRO B 96 11.94 -6.26 -3.00
C PRO B 96 12.60 -4.95 -2.58
N ILE B 97 11.92 -3.84 -2.81
CA ILE B 97 12.55 -2.53 -2.62
C ILE B 97 11.62 -1.58 -1.90
N LEU B 98 12.15 -0.90 -0.90
CA LEU B 98 11.44 0.13 -0.17
C LEU B 98 12.23 1.42 -0.27
N CYS B 99 11.66 2.45 -0.89
CA CYS B 99 12.26 3.79 -0.91
C CYS B 99 11.51 4.71 0.04
N LEU B 100 12.25 5.54 0.76
CA LEU B 100 11.68 6.51 1.69
C LEU B 100 12.07 7.92 1.26
N PHE B 101 11.09 8.81 1.11
CA PHE B 101 11.34 10.17 0.63
C PHE B 101 10.69 11.21 1.53
N ARG B 102 11.36 12.36 1.73
CA ARG B 102 10.75 13.44 2.52
C ARG B 102 10.36 14.62 1.64
N PRO B 103 9.05 14.77 1.39
CA PRO B 103 8.52 15.90 0.60
C PRO B 103 8.89 17.24 1.23
N GLN B 104 8.94 17.29 2.56
CA GLN B 104 9.20 18.55 3.24
C GLN B 104 10.63 19.04 3.09
N SER B 105 11.47 18.21 2.47
CA SER B 105 12.79 18.65 2.05
C SER B 105 12.69 19.75 1.00
N GLY B 106 11.52 19.85 0.37
CA GLY B 106 11.32 20.84 -0.66
C GLY B 106 11.76 20.40 -2.04
N ARG B 107 12.25 19.18 -2.19
CA ARG B 107 12.58 18.75 -3.56
C ARG B 107 11.49 17.87 -4.11
N VAL B 108 11.61 17.54 -5.40
CA VAL B 108 10.67 16.65 -6.02
C VAL B 108 11.47 15.41 -6.36
N LEU B 109 10.99 14.26 -5.92
CA LEU B 109 11.68 13.00 -6.19
C LEU B 109 11.79 12.70 -7.68
N SER B 110 12.94 12.16 -8.06
CA SER B 110 13.20 11.75 -9.44
C SER B 110 12.06 10.93 -10.05
N ALA B 111 11.65 11.28 -11.27
CA ALA B 111 10.60 10.54 -11.97
C ALA B 111 11.02 9.10 -12.21
N MET B 112 12.32 8.85 -12.33
CA MET B 112 12.76 7.47 -12.59
C MET B 112 12.63 6.60 -11.33
N ILE B 113 12.65 7.23 -10.17
CA ILE B 113 12.51 6.47 -8.92
C ILE B 113 11.01 6.31 -8.64
N ARG B 114 10.33 7.43 -8.51
CA ARG B 114 8.88 7.44 -8.30
C ARG B 114 8.17 6.60 -9.37
N GLY B 115 8.62 6.70 -10.62
CA GLY B 115 7.94 6.00 -11.71
C GLY B 115 8.31 4.52 -11.78
N ALA B 116 9.38 4.13 -11.11
CA ALA B 116 9.71 2.71 -10.99
C ALA B 116 8.81 1.94 -10.00
N ALA B 117 8.09 2.67 -9.13
CA ALA B 117 7.27 2.03 -8.10
C ALA B 117 6.06 1.35 -8.70
N ASP B 118 5.84 0.08 -8.33
CA ASP B 118 4.57 -0.60 -8.62
C ASP B 118 3.63 -0.71 -7.41
N GLY B 119 4.07 -0.23 -6.26
CA GLY B 119 3.30 -0.39 -5.02
C GLY B 119 3.33 -1.79 -4.42
N SER B 120 4.08 -2.72 -4.99
CA SER B 120 4.25 -4.03 -4.38
C SER B 120 5.73 -4.40 -4.16
N ARG B 121 6.39 -4.84 -5.22
CA ARG B 121 7.80 -5.23 -5.17
C ARG B 121 8.72 -4.01 -5.16
N PHE B 122 8.21 -2.86 -5.63
CA PHE B 122 8.95 -1.61 -5.52
C PHE B 122 8.01 -0.58 -4.90
N GLN B 123 8.31 -0.13 -3.69
CA GLN B 123 7.39 0.80 -3.04
C GLN B 123 8.09 2.11 -2.76
N VAL B 124 7.37 3.22 -2.87
CA VAL B 124 7.93 4.51 -2.47
C VAL B 124 7.02 5.10 -1.41
N TRP B 125 7.58 5.42 -0.25
CA TRP B 125 6.75 5.99 0.81
C TRP B 125 7.21 7.40 1.18
N ASP B 126 6.31 8.36 1.13
CA ASP B 126 6.56 9.73 1.56
C ASP B 126 6.45 9.77 3.08
N TYR B 127 7.43 10.37 3.76
CA TYR B 127 7.32 10.49 5.22
C TYR B 127 7.82 11.85 5.73
N ALA B 128 7.52 12.14 7.00
CA ALA B 128 8.02 13.32 7.70
C ALA B 128 9.04 12.89 8.76
N GLU B 129 10.00 13.77 9.10
CA GLU B 129 11.26 13.31 9.74
C GLU B 129 11.08 12.48 11.02
N GLY B 130 10.00 12.72 11.77
CA GLY B 130 9.74 11.96 12.98
C GLY B 130 8.99 10.65 12.74
N GLU B 131 8.65 10.38 11.50
CA GLU B 131 7.85 9.20 11.17
C GLU B 131 8.64 7.97 10.68
N VAL B 132 9.97 8.07 10.56
CA VAL B 132 10.66 7.09 9.74
C VAL B 132 10.57 5.67 10.34
N GLU B 133 10.61 5.56 11.66
CA GLU B 133 10.52 4.25 12.31
C GLU B 133 9.18 3.56 12.05
N THR B 134 8.09 4.29 12.23
CA THR B 134 6.75 3.72 12.00
C THR B 134 6.58 3.27 10.52
N MET B 135 7.17 4.01 9.59
CA MET B 135 7.16 3.63 8.18
C MET B 135 7.91 2.30 7.96
N LEU B 136 9.07 2.16 8.61
CA LEU B 136 9.80 0.92 8.53
C LEU B 136 9.00 -0.23 9.17
N ASP B 137 8.43 0.04 10.35
CA ASP B 137 7.61 -0.96 11.03
C ASP B 137 6.47 -1.45 10.14
N ARG B 138 5.74 -0.54 9.53
CA ARG B 138 4.60 -0.92 8.68
C ARG B 138 5.04 -1.81 7.54
N TYR B 139 6.14 -1.44 6.89
CA TYR B 139 6.65 -2.24 5.80
C TYR B 139 7.07 -3.65 6.22
N PHE B 140 7.88 -3.76 7.28
CA PHE B 140 8.46 -5.04 7.64
C PHE B 140 7.53 -5.97 8.42
N GLU B 141 6.56 -5.40 9.11
CA GLU B 141 5.60 -6.23 9.82
C GLU B 141 4.61 -6.77 8.81
N ALA B 142 4.39 -6.00 7.74
CA ALA B 142 3.63 -6.47 6.60
C ALA B 142 4.46 -7.39 5.68
N TYR B 143 5.76 -7.08 5.50
CA TYR B 143 6.68 -7.92 4.71
C TYR B 143 6.69 -9.34 5.24
N LEU B 144 6.24 -9.47 6.49
CA LEU B 144 6.06 -10.75 7.14
C LEU B 144 4.73 -11.44 6.80
N VAL B 145 3.82 -10.71 6.15
CA VAL B 145 2.50 -11.27 5.84
C VAL B 145 2.07 -11.01 4.40
C1 N6P C . -6.95 5.89 1.43
C2 N6P C . -6.51 7.19 1.71
C3 N6P C . -5.69 7.43 2.82
C4 N6P C . -5.26 8.72 3.11
C5 N6P C . -5.64 9.78 2.28
C6 N6P C . -6.46 9.53 1.17
C7 N6P C . -6.89 8.24 0.88
C8 N6P C . -7.70 8.01 -0.22
C9 N6P C . -8.14 6.73 -0.51
C10 N6P C . -7.72 5.65 0.31
C11 N6P C . -8.23 4.24 0.06
N1 N6P C . -7.86 3.25 0.90
C12 N6P C . -8.32 2.00 0.79
N2 N6P C . -9.19 1.65 -0.19
C13 N6P C . -9.63 2.58 -1.08
C14 N6P C . -9.17 3.92 -0.97
N3 N6P C . -9.76 4.62 -1.99
C15 N6P C . -10.56 3.77 -2.67
N4 N6P C . -10.49 2.55 -2.14
C16 N6P C . -11.19 1.43 -2.55
O1 N6P C . -12.17 1.91 -3.73
C17 N6P C . -12.01 1.08 -1.53
O2 N6P C . -11.97 -0.37 -1.21
C18 N6P C . -13.47 1.48 -1.88
O3 N6P C . -14.32 0.45 -1.91
C19 N6P C . -13.39 2.11 -3.30
C20 N6P C . -13.74 3.59 -3.24
O4 N6P C . -13.51 4.11 -4.56
P1 N6P C . -13.53 5.69 -4.81
O5 N6P C . -12.48 6.33 -3.99
O6 N6P C . -13.28 5.90 -6.31
O7 N6P C . -14.87 6.24 -4.44
C1 N6P D . 33.78 4.57 1.29
C2 N6P D . 34.81 5.46 1.52
C3 N6P D . 35.76 5.19 2.52
C4 N6P D . 36.79 6.10 2.74
C5 N6P D . 36.90 7.25 1.98
C6 N6P D . 35.96 7.51 0.98
C7 N6P D . 34.92 6.61 0.76
C8 N6P D . 33.98 6.87 -0.23
C9 N6P D . 32.95 5.99 -0.46
C10 N6P D . 32.86 4.80 0.29
C11 N6P D . 31.72 3.83 0.13
N1 N6P D . 31.73 2.69 0.87
C12 N6P D . 30.73 1.83 0.80
N2 N6P D . 29.64 2.01 0.04
C13 N6P D . 29.54 3.13 -0.74
C14 N6P D . 30.59 4.08 -0.72
N3 N6P D . 30.23 5.09 -1.57
C15 N6P D . 29.01 4.78 -2.09
N4 N6P D . 28.60 3.61 -1.61
C16 N6P D . 27.39 2.99 -1.87
O1 N6P D . 26.60 4.00 -2.82
C17 N6P D . 26.68 2.98 -0.72
O2 N6P D . 25.97 1.70 -0.46
C18 N6P D . 25.60 4.10 -0.74
O3 N6P D . 24.33 3.67 -0.58
C19 N6P D . 25.69 4.71 -2.16
C20 N6P D . 26.07 6.17 -2.01
O4 N6P D . 26.31 6.69 -3.33
P1 N6P D . 27.01 8.10 -3.51
O5 N6P D . 28.37 8.10 -2.93
O6 N6P D . 27.08 8.33 -5.00
O7 N6P D . 26.15 9.14 -2.86
S SO4 E . 11.24 1.11 20.40
O1 SO4 E . 12.65 0.89 20.07
O2 SO4 E . 10.74 2.29 19.71
O3 SO4 E . 10.46 -0.06 19.98
O4 SO4 E . 11.11 1.29 21.84
#